data_4NNL
#
_entry.id   4NNL
#
_cell.length_a   26.898
_cell.length_b   33.574
_cell.length_c   66.805
_cell.angle_alpha   100.07
_cell.angle_beta   92.90
_cell.angle_gamma   90.02
#
_symmetry.space_group_name_H-M   'P 1'
#
loop_
_entity.id
_entity.type
_entity.pdbx_description
1 polymer 'Tax1-binding protein 3'
2 polymer 'TIP-1 PDZ domain'
3 water water
#
loop_
_entity_poly.entity_id
_entity_poly.type
_entity_poly.pdbx_seq_one_letter_code
_entity_poly.pdbx_strand_id
1 'polypeptide(L)'
;TAVVQRVEIHKLRQGENLILGFSIGGGIDQDPSQNPFSEDKTDKGIYVTRVSEGGPAEIAGLQIGDKIMQVNGWDMTMVT
HDQARKRLTKRSEEVVRLLVTRQ
;
A,B
2 'polypeptide(L)' ANSRFPTSII C,D
#
# COMPACT_ATOMS: atom_id res chain seq x y z
N THR A 1 -17.42 21.80 -14.17
CA THR A 1 -16.45 22.64 -13.47
C THR A 1 -15.44 21.83 -12.65
N ALA A 2 -15.89 20.70 -12.10
CA ALA A 2 -14.96 19.79 -11.42
C ALA A 2 -14.74 18.51 -12.21
N VAL A 3 -13.48 18.07 -12.28
CA VAL A 3 -13.10 16.87 -13.00
C VAL A 3 -12.56 15.83 -12.02
N VAL A 4 -12.92 14.58 -12.21
CA VAL A 4 -12.49 13.47 -11.37
C VAL A 4 -11.09 13.01 -11.78
N GLN A 5 -10.20 12.87 -10.81
CA GLN A 5 -8.90 12.28 -11.06
C GLN A 5 -8.66 11.14 -10.09
N ARG A 6 -7.92 10.14 -10.56
CA ARG A 6 -7.55 9.02 -9.71
C ARG A 6 -6.04 8.96 -9.64
N VAL A 7 -5.51 9.10 -8.44
CA VAL A 7 -4.05 9.02 -8.29
C VAL A 7 -3.64 7.88 -7.38
N GLU A 8 -2.46 7.36 -7.65
CA GLU A 8 -1.94 6.21 -6.92
C GLU A 8 -0.60 6.61 -6.32
N ILE A 9 -0.61 6.85 -5.02
CA ILE A 9 0.57 7.33 -4.33
C ILE A 9 1.34 6.16 -3.72
N HIS A 10 2.64 6.11 -3.98
CA HIS A 10 3.53 5.15 -3.35
C HIS A 10 4.32 5.88 -2.28
N LYS A 11 4.04 5.56 -1.03
CA LYS A 11 4.63 6.32 0.08
C LYS A 11 6.15 6.17 0.13
N LEU A 12 6.81 7.19 0.67
CA LEU A 12 8.27 7.20 0.80
C LEU A 12 8.64 6.99 2.25
N ARG A 13 9.57 6.07 2.50
N ARG A 13 9.61 6.11 2.48
CA ARG A 13 10.00 5.84 3.87
CA ARG A 13 10.08 5.82 3.83
C ARG A 13 10.92 6.99 4.29
C ARG A 13 10.99 6.95 4.32
N GLN A 14 10.62 7.54 5.45
CA GLN A 14 11.44 8.59 6.04
C GLN A 14 11.59 8.24 7.51
N GLY A 15 12.71 7.60 7.83
CA GLY A 15 12.90 7.02 9.15
C GLY A 15 11.90 5.89 9.38
N GLU A 16 11.17 5.99 10.48
CA GLU A 16 10.23 4.96 10.89
C GLU A 16 8.90 5.10 10.15
N ASN A 17 8.69 6.25 9.53
CA ASN A 17 7.39 6.57 8.91
C ASN A 17 7.35 6.40 7.40
N LEU A 18 6.13 6.17 6.90
CA LEU A 18 5.84 6.19 5.48
C LEU A 18 5.06 7.47 5.17
N ILE A 19 5.62 8.33 4.34
CA ILE A 19 5.00 9.64 4.13
C ILE A 19 4.51 9.81 2.70
N LEU A 20 3.54 10.72 2.54
CA LEU A 20 2.86 10.92 1.28
C LEU A 20 3.29 12.21 0.56
N GLY A 21 3.85 13.18 1.29
CA GLY A 21 4.34 14.39 0.64
C GLY A 21 3.26 15.41 0.31
N PHE A 22 2.26 15.53 1.18
CA PHE A 22 1.29 16.61 1.02
C PHE A 22 0.63 16.96 2.34
N SER A 23 -0.17 18.01 2.33
CA SER A 23 -0.89 18.42 3.53
C SER A 23 -2.38 18.49 3.25
N ILE A 24 -3.17 18.29 4.31
CA ILE A 24 -4.62 18.36 4.20
C ILE A 24 -5.21 19.38 5.16
N GLY A 25 -6.35 19.93 4.75
CA GLY A 25 -7.18 20.77 5.60
C GLY A 25 -8.61 20.31 5.46
N GLY A 26 -9.45 20.65 6.42
CA GLY A 26 -10.87 20.36 6.34
C GLY A 26 -11.31 19.28 7.31
N GLY A 27 -12.56 18.82 7.13
CA GLY A 27 -13.12 17.83 8.04
C GLY A 27 -14.39 18.35 8.69
N ILE A 28 -15.25 17.45 9.12
CA ILE A 28 -16.57 17.86 9.63
C ILE A 28 -16.51 18.53 10.99
N ASP A 29 -15.34 18.48 11.61
CA ASP A 29 -15.14 19.08 12.92
C ASP A 29 -14.46 20.44 12.80
N GLN A 30 -14.18 20.85 11.57
CA GLN A 30 -13.48 22.11 11.33
C GLN A 30 -14.41 23.18 10.77
N ASP A 31 -13.92 24.41 10.72
CA ASP A 31 -14.71 25.54 10.25
C ASP A 31 -14.55 25.65 8.74
N PRO A 32 -15.59 25.24 7.98
CA PRO A 32 -15.41 25.21 6.52
C PRO A 32 -15.28 26.60 5.91
N SER A 33 -15.65 27.64 6.66
CA SER A 33 -15.60 28.98 6.09
C SER A 33 -14.15 29.42 5.86
N GLN A 34 -13.21 28.72 6.47
CA GLN A 34 -11.79 29.11 6.46
C GLN A 34 -10.98 28.37 5.41
N ASN A 35 -11.65 27.50 4.67
CA ASN A 35 -11.01 26.74 3.60
C ASN A 35 -11.02 27.56 2.33
N PRO A 36 -9.83 27.99 1.85
CA PRO A 36 -9.78 28.86 0.68
C PRO A 36 -9.94 28.11 -0.64
N PHE A 37 -9.96 26.78 -0.58
CA PHE A 37 -9.91 25.96 -1.79
C PHE A 37 -11.28 25.50 -2.28
N SER A 38 -12.29 25.53 -1.41
CA SER A 38 -13.61 25.05 -1.76
C SER A 38 -14.44 26.11 -2.48
N GLU A 39 -15.43 25.65 -3.23
CA GLU A 39 -16.36 26.54 -3.92
C GLU A 39 -17.49 26.95 -2.98
N ASP A 40 -17.95 26.00 -2.18
CA ASP A 40 -19.05 26.20 -1.25
C ASP A 40 -18.45 26.28 0.15
N LYS A 41 -18.65 27.40 0.85
CA LYS A 41 -18.00 27.60 2.14
C LYS A 41 -18.63 26.83 3.30
N THR A 42 -19.54 25.92 2.97
CA THR A 42 -20.09 25.00 3.96
C THR A 42 -19.55 23.59 3.70
N ASP A 43 -18.66 23.48 2.72
CA ASP A 43 -18.09 22.21 2.31
C ASP A 43 -17.05 21.80 3.35
N LYS A 44 -17.36 20.74 4.08
CA LYS A 44 -16.51 20.28 5.19
C LYS A 44 -15.56 19.17 4.77
N GLY A 45 -15.38 19.02 3.47
CA GLY A 45 -14.52 17.99 2.92
C GLY A 45 -13.03 18.19 3.15
N ILE A 46 -12.28 17.16 2.79
CA ILE A 46 -10.85 17.13 2.97
C ILE A 46 -10.21 17.63 1.68
N TYR A 47 -9.38 18.67 1.79
CA TYR A 47 -8.71 19.26 0.65
C TYR A 47 -7.20 19.21 0.80
N VAL A 48 -6.53 19.06 -0.32
CA VAL A 48 -5.07 19.12 -0.37
C VAL A 48 -4.67 20.58 -0.29
N THR A 49 -3.87 20.94 0.71
CA THR A 49 -3.57 22.35 0.93
C THR A 49 -2.12 22.72 0.55
N ARG A 50 -1.30 21.70 0.30
CA ARG A 50 0.10 21.90 -0.05
C ARG A 50 0.58 20.58 -0.59
N VAL A 51 1.51 20.65 -1.54
CA VAL A 51 2.14 19.46 -2.11
C VAL A 51 3.66 19.65 -2.13
N SER A 52 4.38 18.64 -1.67
CA SER A 52 5.84 18.73 -1.58
C SER A 52 6.48 18.54 -2.94
N GLU A 53 7.30 19.51 -3.34
CA GLU A 53 7.96 19.43 -4.63
C GLU A 53 8.83 18.18 -4.64
N GLY A 54 8.61 17.34 -5.66
CA GLY A 54 9.39 16.13 -5.82
C GLY A 54 8.94 14.95 -4.98
N GLY A 55 7.90 15.13 -4.17
CA GLY A 55 7.42 14.07 -3.31
C GLY A 55 6.46 13.08 -3.96
N PRO A 56 6.08 12.03 -3.21
CA PRO A 56 5.22 10.96 -3.75
C PRO A 56 3.90 11.48 -4.30
N ALA A 57 3.25 12.38 -3.58
CA ALA A 57 1.99 12.91 -4.05
C ALA A 57 2.15 13.68 -5.35
N GLU A 58 3.21 14.49 -5.45
CA GLU A 58 3.42 15.24 -6.68
C GLU A 58 3.65 14.29 -7.85
N ILE A 59 4.52 13.30 -7.64
CA ILE A 59 4.81 12.34 -8.70
C ILE A 59 3.54 11.62 -9.16
N ALA A 60 2.65 11.34 -8.22
CA ALA A 60 1.41 10.61 -8.53
C ALA A 60 0.37 11.46 -9.25
N GLY A 61 0.57 12.77 -9.24
CA GLY A 61 -0.34 13.68 -9.92
C GLY A 61 -1.24 14.52 -9.04
N LEU A 62 -1.09 14.44 -7.71
CA LEU A 62 -1.92 15.23 -6.81
C LEU A 62 -1.59 16.71 -6.95
N GLN A 63 -2.60 17.56 -6.80
CA GLN A 63 -2.44 19.01 -6.95
C GLN A 63 -3.09 19.78 -5.79
N ILE A 64 -2.47 20.90 -5.43
CA ILE A 64 -3.02 21.77 -4.40
C ILE A 64 -4.45 22.12 -4.80
N GLY A 65 -5.34 22.08 -3.81
CA GLY A 65 -6.74 22.39 -4.06
C GLY A 65 -7.62 21.19 -4.35
N ASP A 66 -7.02 20.03 -4.63
CA ASP A 66 -7.82 18.83 -4.93
C ASP A 66 -8.68 18.46 -3.73
N LYS A 67 -9.92 18.08 -3.98
CA LYS A 67 -10.79 17.55 -2.93
C LYS A 67 -10.70 16.03 -2.89
N ILE A 68 -10.38 15.48 -1.73
CA ILE A 68 -10.24 14.05 -1.58
C ILE A 68 -11.60 13.40 -1.29
N MET A 69 -12.07 12.59 -2.23
CA MET A 69 -13.37 11.93 -2.12
C MET A 69 -13.26 10.56 -1.46
N GLN A 70 -12.20 9.81 -1.80
CA GLN A 70 -11.97 8.49 -1.23
C GLN A 70 -10.49 8.18 -1.09
N VAL A 71 -10.16 7.34 -0.12
CA VAL A 71 -8.81 6.80 0.05
C VAL A 71 -8.91 5.28 0.12
N ASN A 72 -8.32 4.60 -0.85
CA ASN A 72 -8.44 3.14 -0.91
C ASN A 72 -9.88 2.67 -0.70
N GLY A 73 -10.81 3.37 -1.34
CA GLY A 73 -12.21 3.01 -1.29
C GLY A 73 -12.98 3.57 -0.10
N TRP A 74 -12.28 4.11 0.89
CA TRP A 74 -12.94 4.70 2.06
C TRP A 74 -13.44 6.10 1.79
N ASP A 75 -14.73 6.33 2.06
CA ASP A 75 -15.36 7.63 1.89
C ASP A 75 -14.69 8.69 2.76
N MET A 76 -14.31 9.82 2.15
CA MET A 76 -13.64 10.89 2.87
C MET A 76 -14.45 12.19 2.89
N THR A 77 -15.72 12.09 2.48
CA THR A 77 -16.55 13.28 2.34
C THR A 77 -17.17 13.79 3.65
N MET A 78 -17.36 12.88 4.60
N MET A 78 -17.38 12.89 4.61
CA MET A 78 -17.97 13.23 5.88
CA MET A 78 -17.96 13.31 5.88
C MET A 78 -17.20 12.68 7.09
C MET A 78 -17.21 12.70 7.06
N VAL A 79 -15.90 12.97 7.12
CA VAL A 79 -15.05 12.49 8.19
C VAL A 79 -14.45 13.68 8.95
N THR A 80 -14.00 13.45 10.19
CA THR A 80 -13.27 14.48 10.91
C THR A 80 -11.87 14.64 10.31
N HIS A 81 -11.21 15.72 10.68
CA HIS A 81 -9.86 15.96 10.18
C HIS A 81 -8.93 14.83 10.60
N ASP A 82 -9.01 14.44 11.87
CA ASP A 82 -8.14 13.39 12.42
C ASP A 82 -8.42 12.04 11.75
N GLN A 83 -9.69 11.73 11.49
CA GLN A 83 -10.05 10.51 10.78
C GLN A 83 -9.41 10.47 9.41
N ALA A 84 -9.46 11.60 8.70
CA ALA A 84 -8.85 11.70 7.37
C ALA A 84 -7.34 11.45 7.47
N ARG A 85 -6.72 12.08 8.45
CA ARG A 85 -5.28 11.95 8.65
C ARG A 85 -4.91 10.49 8.90
N LYS A 86 -5.65 9.84 9.79
CA LYS A 86 -5.38 8.45 10.14
C LYS A 86 -5.57 7.53 8.94
N ARG A 87 -6.59 7.79 8.13
CA ARG A 87 -6.87 6.95 6.97
C ARG A 87 -5.74 7.04 5.95
N LEU A 88 -5.17 8.23 5.83
CA LEU A 88 -4.09 8.45 4.87
C LEU A 88 -2.76 7.89 5.33
N THR A 89 -2.60 7.70 6.65
CA THR A 89 -1.31 7.36 7.22
C THR A 89 -1.25 6.00 7.92
N LYS A 90 -2.05 5.04 7.45
CA LYS A 90 -1.94 3.67 7.96
C LYS A 90 -0.55 3.12 7.66
N ARG A 91 0.20 2.81 8.71
N ARG A 91 0.20 2.79 8.70
CA ARG A 91 1.57 2.32 8.60
CA ARG A 91 1.57 2.33 8.54
C ARG A 91 1.67 1.05 7.75
C ARG A 91 1.66 1.06 7.70
N SER A 92 0.57 0.31 7.67
CA SER A 92 0.55 -0.97 6.96
C SER A 92 0.36 -0.77 5.46
N GLU A 93 -0.01 0.44 5.07
CA GLU A 93 -0.30 0.73 3.67
C GLU A 93 0.81 1.54 2.98
N GLU A 94 1.50 0.90 2.03
CA GLU A 94 2.52 1.58 1.24
C GLU A 94 1.95 2.26 0.00
N VAL A 95 0.87 1.70 -0.55
CA VAL A 95 0.21 2.30 -1.71
C VAL A 95 -1.18 2.78 -1.33
N VAL A 96 -1.47 4.04 -1.61
CA VAL A 96 -2.82 4.56 -1.41
C VAL A 96 -3.35 5.20 -2.69
N ARG A 97 -4.55 4.77 -3.06
CA ARG A 97 -5.24 5.32 -4.21
C ARG A 97 -6.23 6.35 -3.73
N LEU A 98 -6.14 7.53 -4.31
CA LEU A 98 -7.02 8.63 -3.96
C LEU A 98 -7.93 8.93 -5.11
N LEU A 99 -9.22 9.06 -4.83
CA LEU A 99 -10.20 9.62 -5.77
C LEU A 99 -10.36 11.07 -5.39
N VAL A 100 -10.05 11.97 -6.32
CA VAL A 100 -10.17 13.38 -6.06
C VAL A 100 -10.99 14.10 -7.11
N THR A 101 -11.49 15.28 -6.79
CA THR A 101 -12.05 16.16 -7.79
C THR A 101 -11.21 17.43 -7.84
N ARG A 102 -11.13 18.00 -9.04
CA ARG A 102 -10.24 19.13 -9.32
C ARG A 102 -11.00 20.17 -10.12
N GLN A 103 -10.99 21.41 -9.63
CA GLN A 103 -11.71 22.51 -10.26
C GLN A 103 -10.86 23.15 -11.35
N ALA B 2 21.03 -6.06 -1.85
CA ALA B 2 19.64 -6.26 -1.45
C ALA B 2 19.29 -5.40 -0.23
N VAL B 3 18.05 -4.91 -0.22
CA VAL B 3 17.54 -4.08 0.86
C VAL B 3 16.42 -4.82 1.56
N VAL B 4 16.40 -4.75 2.89
CA VAL B 4 15.38 -5.41 3.69
C VAL B 4 14.11 -4.55 3.74
N GLN B 5 12.96 -5.18 3.50
CA GLN B 5 11.68 -4.50 3.63
C GLN B 5 10.79 -5.35 4.52
N ARG B 6 9.93 -4.68 5.27
CA ARG B 6 8.97 -5.36 6.12
C ARG B 6 7.59 -4.89 5.72
N VAL B 7 6.75 -5.83 5.30
CA VAL B 7 5.41 -5.45 4.86
C VAL B 7 4.36 -6.17 5.69
N GLU B 8 3.21 -5.54 5.82
CA GLU B 8 2.15 -6.06 6.66
C GLU B 8 0.92 -6.19 5.81
N ILE B 9 0.58 -7.43 5.47
CA ILE B 9 -0.52 -7.71 4.57
C ILE B 9 -1.78 -8.05 5.34
N HIS B 10 -2.87 -7.34 5.01
CA HIS B 10 -4.18 -7.68 5.53
C HIS B 10 -4.97 -8.41 4.47
N LYS B 11 -5.22 -9.69 4.71
CA LYS B 11 -5.84 -10.54 3.69
C LYS B 11 -7.24 -10.07 3.33
N LEU B 12 -7.62 -10.31 2.08
CA LEU B 12 -8.96 -9.97 1.59
C LEU B 12 -9.83 -11.20 1.57
N ARG B 13 -11.06 -11.06 2.06
CA ARG B 13 -12.01 -12.17 1.98
C ARG B 13 -12.56 -12.30 0.56
N GLN B 14 -12.46 -13.51 0.02
CA GLN B 14 -12.99 -13.84 -1.29
C GLN B 14 -13.68 -15.19 -1.13
N GLY B 15 -15.01 -15.15 -1.01
CA GLY B 15 -15.75 -16.35 -0.67
C GLY B 15 -15.38 -16.85 0.70
N GLU B 16 -15.06 -18.13 0.80
CA GLU B 16 -14.69 -18.75 2.06
C GLU B 16 -13.20 -18.55 2.38
N ASN B 17 -12.44 -18.05 1.40
CA ASN B 17 -11.00 -17.92 1.57
C ASN B 17 -10.51 -16.50 1.86
N LEU B 18 -9.36 -16.43 2.52
CA LEU B 18 -8.68 -15.16 2.73
C LEU B 18 -7.44 -15.16 1.85
N ILE B 19 -7.37 -14.17 0.95
CA ILE B 19 -6.31 -14.19 -0.05
C ILE B 19 -5.35 -13.01 0.11
N LEU B 20 -4.14 -13.17 -0.41
CA LEU B 20 -3.08 -12.19 -0.23
C LEU B 20 -2.81 -11.37 -1.49
N GLY B 21 -3.21 -11.87 -2.66
CA GLY B 21 -3.01 -11.12 -3.88
C GLY B 21 -1.61 -11.20 -4.47
N PHE B 22 -0.95 -12.34 -4.31
CA PHE B 22 0.34 -12.51 -4.99
C PHE B 22 0.63 -13.97 -5.26
N SER B 23 1.70 -14.25 -6.01
CA SER B 23 2.05 -15.62 -6.31
C SER B 23 3.49 -15.87 -5.89
N ILE B 24 3.81 -17.13 -5.59
CA ILE B 24 5.17 -17.51 -5.19
C ILE B 24 5.73 -18.60 -6.06
N GLY B 25 7.06 -18.59 -6.15
CA GLY B 25 7.84 -19.64 -6.77
C GLY B 25 9.02 -19.95 -5.88
N GLY B 26 9.62 -21.12 -6.10
CA GLY B 26 10.82 -21.51 -5.36
C GLY B 26 10.56 -22.62 -4.36
N GLY B 27 11.54 -22.86 -3.50
CA GLY B 27 11.44 -23.91 -2.50
C GLY B 27 12.59 -24.89 -2.63
N ILE B 28 12.95 -25.52 -1.51
CA ILE B 28 14.08 -26.44 -1.49
C ILE B 28 13.81 -27.70 -2.32
N ASP B 29 12.53 -27.95 -2.63
CA ASP B 29 12.15 -29.11 -3.43
C ASP B 29 12.15 -28.80 -4.93
N GLN B 30 12.49 -27.55 -5.28
CA GLN B 30 12.42 -27.11 -6.67
C GLN B 30 13.83 -26.88 -7.23
N ASP B 31 13.92 -26.77 -8.55
CA ASP B 31 15.19 -26.52 -9.21
C ASP B 31 15.47 -25.02 -9.19
N PRO B 32 16.45 -24.59 -8.37
CA PRO B 32 16.69 -23.14 -8.27
C PRO B 32 17.19 -22.50 -9.56
N SER B 33 17.75 -23.28 -10.47
CA SER B 33 18.27 -22.70 -11.71
C SER B 33 17.15 -22.18 -12.62
N GLN B 34 15.91 -22.52 -12.29
CA GLN B 34 14.75 -22.14 -13.11
C GLN B 34 14.11 -20.83 -12.65
N ASN B 35 14.60 -20.31 -11.52
CA ASN B 35 14.04 -19.11 -10.92
C ASN B 35 14.66 -17.86 -11.55
N PRO B 36 13.85 -17.06 -12.29
CA PRO B 36 14.43 -15.91 -12.97
C PRO B 36 14.67 -14.71 -12.06
N PHE B 37 14.20 -14.78 -10.82
CA PHE B 37 14.18 -13.60 -9.93
C PHE B 37 15.37 -13.50 -8.99
N SER B 38 16.01 -14.64 -8.73
CA SER B 38 17.12 -14.69 -7.78
C SER B 38 18.40 -14.11 -8.36
N GLU B 39 19.21 -13.49 -7.52
CA GLU B 39 20.52 -13.03 -7.94
C GLU B 39 21.44 -14.22 -8.14
N ASP B 40 21.37 -15.16 -7.20
CA ASP B 40 22.21 -16.35 -7.21
C ASP B 40 21.34 -17.56 -7.57
N LYS B 41 21.67 -18.25 -8.65
CA LYS B 41 20.83 -19.35 -9.15
C LYS B 41 20.91 -20.65 -8.33
N THR B 42 21.63 -20.62 -7.20
CA THR B 42 21.57 -21.72 -6.24
C THR B 42 20.59 -21.44 -5.10
N ASP B 43 19.94 -20.28 -5.17
CA ASP B 43 19.04 -19.82 -4.13
C ASP B 43 17.73 -20.60 -4.24
N LYS B 44 17.46 -21.46 -3.25
CA LYS B 44 16.26 -22.28 -3.25
C LYS B 44 15.11 -21.61 -2.51
N GLY B 45 15.26 -20.31 -2.23
CA GLY B 45 14.27 -19.57 -1.48
C GLY B 45 12.93 -19.33 -2.17
N ILE B 46 12.04 -18.70 -1.42
CA ILE B 46 10.69 -18.39 -1.89
C ILE B 46 10.66 -16.97 -2.41
N TYR B 47 10.23 -16.82 -3.66
CA TYR B 47 10.18 -15.52 -4.32
C TYR B 47 8.76 -15.15 -4.75
N VAL B 48 8.48 -13.86 -4.70
CA VAL B 48 7.23 -13.31 -5.20
C VAL B 48 7.33 -13.25 -6.72
N THR B 49 6.44 -13.95 -7.42
CA THR B 49 6.57 -14.06 -8.86
C THR B 49 5.56 -13.21 -9.63
N ARG B 50 4.58 -12.69 -8.89
CA ARG B 50 3.52 -11.90 -9.49
C ARG B 50 2.79 -11.21 -8.35
N VAL B 51 2.29 -10.01 -8.62
CA VAL B 51 1.51 -9.27 -7.63
C VAL B 51 0.25 -8.72 -8.29
N SER B 52 -0.89 -8.96 -7.66
CA SER B 52 -2.17 -8.55 -8.24
C SER B 52 -2.37 -7.05 -8.07
N GLU B 53 -2.58 -6.35 -9.18
CA GLU B 53 -2.85 -4.93 -9.14
C GLU B 53 -4.05 -4.64 -8.24
N GLY B 54 -3.84 -3.78 -7.25
CA GLY B 54 -4.92 -3.37 -6.37
C GLY B 54 -5.16 -4.29 -5.19
N GLY B 55 -4.42 -5.39 -5.13
CA GLY B 55 -4.63 -6.39 -4.09
C GLY B 55 -3.91 -6.11 -2.79
N PRO B 56 -4.16 -6.94 -1.78
CA PRO B 56 -3.61 -6.72 -0.43
C PRO B 56 -2.07 -6.64 -0.43
N ALA B 57 -1.41 -7.55 -1.16
CA ALA B 57 0.04 -7.50 -1.21
C ALA B 57 0.54 -6.21 -1.85
N GLU B 58 -0.05 -5.79 -2.95
CA GLU B 58 0.36 -4.53 -3.56
C GLU B 58 0.21 -3.37 -2.60
N ILE B 59 -0.97 -3.25 -1.98
CA ILE B 59 -1.22 -2.17 -1.03
C ILE B 59 -0.18 -2.15 0.10
N ALA B 60 0.22 -3.34 0.54
CA ALA B 60 1.19 -3.48 1.64
C ALA B 60 2.60 -3.12 1.22
N GLY B 61 2.86 -3.05 -0.08
CA GLY B 61 4.19 -2.73 -0.56
C GLY B 61 5.01 -3.88 -1.12
N LEU B 62 4.40 -5.05 -1.28
CA LEU B 62 5.12 -6.19 -1.85
C LEU B 62 5.38 -5.95 -3.34
N GLN B 63 6.52 -6.42 -3.83
CA GLN B 63 6.89 -6.22 -5.23
C GLN B 63 7.36 -7.52 -5.87
N ILE B 64 7.09 -7.65 -7.17
CA ILE B 64 7.57 -8.80 -7.92
C ILE B 64 9.08 -8.94 -7.75
N GLY B 65 9.54 -10.16 -7.52
CA GLY B 65 10.95 -10.42 -7.33
C GLY B 65 11.43 -10.44 -5.89
N ASP B 66 10.62 -9.92 -4.96
CA ASP B 66 10.99 -9.94 -3.54
C ASP B 66 11.27 -11.36 -3.07
N LYS B 67 12.33 -11.55 -2.29
CA LYS B 67 12.57 -12.82 -1.62
C LYS B 67 11.94 -12.82 -0.24
N ILE B 68 11.11 -13.82 0.05
CA ILE B 68 10.44 -13.89 1.35
C ILE B 68 11.34 -14.61 2.35
N MET B 69 11.80 -13.87 3.35
CA MET B 69 12.68 -14.40 4.41
C MET B 69 11.91 -15.02 5.56
N GLN B 70 10.80 -14.37 5.95
CA GLN B 70 10.00 -14.81 7.10
C GLN B 70 8.53 -14.47 6.88
N VAL B 71 7.64 -15.28 7.46
CA VAL B 71 6.21 -14.98 7.54
C VAL B 71 5.77 -15.08 8.99
N ASN B 72 5.33 -13.96 9.57
CA ASN B 72 4.98 -13.93 10.98
C ASN B 72 6.05 -14.60 11.83
N GLY B 73 7.31 -14.30 11.51
CA GLY B 73 8.45 -14.75 12.28
C GLY B 73 8.91 -16.17 12.00
N TRP B 74 8.22 -16.83 11.08
CA TRP B 74 8.53 -18.21 10.72
C TRP B 74 9.48 -18.20 9.53
N ASP B 75 10.66 -18.82 9.69
CA ASP B 75 11.67 -18.81 8.64
C ASP B 75 11.17 -19.43 7.33
N MET B 76 11.42 -18.73 6.22
CA MET B 76 11.00 -19.21 4.91
C MET B 76 12.17 -19.47 3.96
N THR B 77 13.40 -19.41 4.48
CA THR B 77 14.58 -19.53 3.62
C THR B 77 14.86 -20.96 3.16
N MET B 78 14.49 -21.94 3.97
CA MET B 78 14.71 -23.34 3.61
C MET B 78 13.48 -24.20 3.87
N VAL B 79 12.40 -23.91 3.14
CA VAL B 79 11.18 -24.68 3.21
C VAL B 79 10.84 -25.19 1.82
N THR B 80 9.98 -26.21 1.74
CA THR B 80 9.47 -26.65 0.45
C THR B 80 8.47 -25.62 -0.07
N HIS B 81 8.19 -25.70 -1.36
CA HIS B 81 7.21 -24.83 -1.99
C HIS B 81 5.85 -24.92 -1.26
N ASP B 82 5.41 -26.15 -1.01
CA ASP B 82 4.12 -26.37 -0.39
C ASP B 82 4.09 -25.89 1.06
N GLN B 83 5.20 -26.07 1.78
CA GLN B 83 5.31 -25.56 3.14
C GLN B 83 5.12 -24.05 3.16
N ALA B 84 5.75 -23.37 2.20
CA ALA B 84 5.63 -21.91 2.07
C ALA B 84 4.18 -21.53 1.79
N ARG B 85 3.57 -22.20 0.82
CA ARG B 85 2.18 -21.95 0.48
C ARG B 85 1.26 -22.09 1.70
N LYS B 86 1.47 -23.14 2.47
CA LYS B 86 0.65 -23.39 3.66
C LYS B 86 0.85 -22.33 4.75
N ARG B 87 2.09 -21.89 4.94
CA ARG B 87 2.37 -20.86 5.95
C ARG B 87 1.68 -19.55 5.60
N LEU B 88 1.66 -19.22 4.31
CA LEU B 88 1.05 -17.98 3.86
C LEU B 88 -0.48 -17.99 3.89
N THR B 89 -1.07 -19.18 3.92
CA THR B 89 -2.52 -19.32 3.76
C THR B 89 -3.23 -19.95 4.95
N LYS B 90 -2.67 -19.78 6.15
CA LYS B 90 -3.37 -20.19 7.36
C LYS B 90 -4.69 -19.45 7.48
N ARG B 91 -5.79 -20.20 7.42
CA ARG B 91 -7.14 -19.65 7.47
C ARG B 91 -7.37 -18.76 8.70
N SER B 92 -6.63 -19.05 9.77
CA SER B 92 -6.84 -18.36 11.04
C SER B 92 -6.14 -17.01 11.10
N GLU B 93 -5.26 -16.75 10.14
CA GLU B 93 -4.47 -15.52 10.13
C GLU B 93 -4.99 -14.52 9.09
N GLU B 94 -5.52 -13.41 9.57
CA GLU B 94 -5.95 -12.32 8.69
C GLU B 94 -4.82 -11.36 8.36
N VAL B 95 -3.87 -11.23 9.28
CA VAL B 95 -2.73 -10.33 9.09
C VAL B 95 -1.43 -11.14 9.04
N VAL B 96 -0.66 -10.98 7.96
CA VAL B 96 0.66 -11.61 7.89
C VAL B 96 1.73 -10.58 7.61
N ARG B 97 2.78 -10.63 8.41
CA ARG B 97 3.92 -9.75 8.24
C ARG B 97 5.01 -10.52 7.52
N LEU B 98 5.50 -9.95 6.43
CA LEU B 98 6.56 -10.58 5.66
C LEU B 98 7.81 -9.77 5.78
N LEU B 99 8.90 -10.47 6.09
CA LEU B 99 10.23 -9.92 6.01
C LEU B 99 10.76 -10.35 4.66
N VAL B 100 11.11 -9.38 3.83
CA VAL B 100 11.60 -9.69 2.48
C VAL B 100 12.92 -8.96 2.21
N THR B 101 13.62 -9.40 1.18
CA THR B 101 14.73 -8.63 0.64
C THR B 101 14.42 -8.28 -0.82
N ARG B 102 14.92 -7.14 -1.26
CA ARG B 102 14.58 -6.60 -2.56
C ARG B 102 15.84 -6.05 -3.21
N GLN B 103 16.10 -6.42 -4.45
CA GLN B 103 17.28 -5.91 -5.16
C GLN B 103 17.16 -4.42 -5.44
N ASN C 2 -3.53 30.66 7.93
CA ASN C 2 -4.73 30.92 8.73
C ASN C 2 -4.78 30.07 10.00
N SER C 3 -4.75 30.74 11.16
CA SER C 3 -4.83 30.06 12.45
C SER C 3 -6.09 29.22 12.53
N ARG C 4 -7.13 29.68 11.84
CA ARG C 4 -8.43 29.02 11.88
C ARG C 4 -8.60 27.98 10.76
N PHE C 5 -7.54 27.75 10.00
CA PHE C 5 -7.53 26.69 8.98
C PHE C 5 -6.33 25.77 9.23
N PRO C 6 -6.44 24.91 10.25
CA PRO C 6 -5.31 24.03 10.55
C PRO C 6 -5.13 23.02 9.44
N THR C 7 -3.87 22.72 9.15
CA THR C 7 -3.54 21.71 8.16
C THR C 7 -2.61 20.70 8.79
N SER C 8 -2.60 19.49 8.24
CA SER C 8 -1.75 18.42 8.72
C SER C 8 -0.86 17.91 7.60
N ILE C 9 0.42 17.73 7.92
CA ILE C 9 1.39 17.17 6.99
C ILE C 9 1.35 15.66 7.07
N ILE C 10 1.24 15.00 5.91
CA ILE C 10 1.23 13.54 5.90
C ILE C 10 2.14 12.97 4.82
N ALA D 1 5.05 -19.80 -20.48
CA ALA D 1 5.65 -19.83 -19.15
C ALA D 1 6.42 -21.13 -18.91
N ASN D 2 7.28 -21.12 -17.89
CA ASN D 2 8.15 -22.25 -17.60
C ASN D 2 7.51 -23.29 -16.68
N SER D 3 7.19 -24.45 -17.24
CA SER D 3 6.58 -25.53 -16.48
C SER D 3 7.53 -26.08 -15.43
N ARG D 4 8.79 -25.65 -15.52
CA ARG D 4 9.81 -26.10 -14.59
C ARG D 4 10.01 -25.09 -13.46
N PHE D 5 9.26 -23.99 -13.53
CA PHE D 5 9.22 -23.02 -12.44
C PHE D 5 7.75 -22.80 -12.09
N PRO D 6 7.14 -23.78 -11.41
CA PRO D 6 5.74 -23.68 -11.03
C PRO D 6 5.53 -22.56 -10.03
N THR D 7 4.41 -21.87 -10.14
CA THR D 7 4.07 -20.86 -9.16
C THR D 7 2.70 -21.14 -8.56
N SER D 8 2.47 -20.61 -7.36
CA SER D 8 1.20 -20.78 -6.66
C SER D 8 0.58 -19.44 -6.34
N ILE D 9 -0.72 -19.31 -6.61
CA ILE D 9 -1.49 -18.12 -6.25
C ILE D 9 -1.96 -18.23 -4.81
N ILE D 10 -1.71 -17.19 -4.02
CA ILE D 10 -2.15 -17.17 -2.63
C ILE D 10 -2.87 -15.89 -2.27
#